data_9EN1
#
_entry.id   9EN1
#
_cell.length_a   106.530
_cell.length_b   106.530
_cell.length_c   106.620
_cell.angle_alpha   90.00
_cell.angle_beta   90.00
_cell.angle_gamma   90.00
#
_symmetry.space_group_name_H-M   'P 43'
#
_entity_poly.entity_id   1
_entity_poly.type   'polypeptide(L)'
_entity_poly.pdbx_seq_one_letter_code
;MGKIKRFFAKDMRAALAQVKDTLGSDAVIMSNKKVNGGIEIVAAVLEHHHHHH
;
_entity_poly.pdbx_strand_id   A,B,C,D,E,F,G,H,I,J,K,L
#
# COMPACT_ATOMS: atom_id res chain seq x y z
N GLY A 2 -32.65 -31.86 6.10
CA GLY A 2 -32.17 -30.62 6.68
C GLY A 2 -32.79 -29.39 6.06
N LYS A 3 -32.45 -28.22 6.58
CA LYS A 3 -33.02 -26.96 6.10
C LYS A 3 -32.20 -25.79 6.61
N ILE A 4 -32.56 -24.59 6.14
CA ILE A 4 -31.96 -23.34 6.57
C ILE A 4 -33.10 -22.38 6.88
N LYS A 5 -33.06 -21.75 8.06
CA LYS A 5 -34.15 -20.89 8.50
C LYS A 5 -33.61 -19.57 9.04
N ARG A 6 -34.48 -18.57 8.98
CA ARG A 6 -34.22 -17.23 9.46
C ARG A 6 -34.98 -17.00 10.76
N PHE A 7 -34.35 -16.32 11.71
CA PHE A 7 -34.95 -16.12 13.02
C PHE A 7 -34.76 -14.67 13.47
N PHE A 8 -35.73 -14.20 14.26
N PHE A 8 -35.71 -14.21 14.28
CA PHE A 8 -35.69 -12.88 14.88
CA PHE A 8 -35.64 -12.90 14.89
C PHE A 8 -36.03 -12.97 16.36
C PHE A 8 -36.02 -12.98 16.36
N ALA A 9 -35.39 -12.12 17.15
CA ALA A 9 -35.74 -11.93 18.55
C ALA A 9 -35.14 -10.60 18.99
N LYS A 10 -35.77 -9.98 19.99
CA LYS A 10 -35.30 -8.69 20.46
C LYS A 10 -33.91 -8.78 21.05
N ASP A 11 -33.54 -9.92 21.61
CA ASP A 11 -32.22 -10.14 22.18
C ASP A 11 -31.57 -11.35 21.54
N MET A 12 -30.24 -11.43 21.68
CA MET A 12 -29.50 -12.54 21.10
C MET A 12 -29.84 -13.85 21.79
N ARG A 13 -30.06 -13.82 23.11
CA ARG A 13 -30.41 -15.02 23.85
C ARG A 13 -31.70 -15.64 23.33
N ALA A 14 -32.74 -14.82 23.18
CA ALA A 14 -34.02 -15.33 22.70
C ALA A 14 -33.93 -15.80 21.24
N ALA A 15 -33.04 -15.19 20.45
CA ALA A 15 -32.86 -15.66 19.08
C ALA A 15 -32.15 -17.01 19.05
N LEU A 16 -31.17 -17.19 19.93
CA LEU A 16 -30.54 -18.50 20.06
C LEU A 16 -31.52 -19.55 20.55
N ALA A 17 -32.49 -19.13 21.38
CA ALA A 17 -33.47 -20.07 21.90
C ALA A 17 -34.41 -20.56 20.79
N GLN A 18 -34.88 -19.64 19.93
CA GLN A 18 -35.77 -20.06 18.84
C GLN A 18 -35.05 -20.98 17.87
N VAL A 19 -33.76 -20.73 17.63
CA VAL A 19 -32.98 -21.62 16.77
C VAL A 19 -32.89 -23.01 17.37
N LYS A 20 -32.76 -23.09 18.69
CA LYS A 20 -32.69 -24.39 19.35
C LYS A 20 -34.04 -25.10 19.34
N ASP A 21 -35.11 -24.37 19.67
CA ASP A 21 -36.44 -24.97 19.76
C ASP A 21 -36.93 -25.50 18.41
N THR A 22 -36.41 -24.98 17.30
CA THR A 22 -36.83 -25.40 15.97
C THR A 22 -35.83 -26.34 15.33
N LEU A 23 -34.57 -25.91 15.20
CA LEU A 23 -33.57 -26.73 14.50
C LEU A 23 -33.01 -27.82 15.40
N GLY A 24 -32.88 -27.57 16.68
CA GLY A 24 -32.39 -28.56 17.62
C GLY A 24 -31.15 -28.06 18.36
N SER A 25 -30.54 -29.00 19.10
CA SER A 25 -29.38 -28.66 19.92
C SER A 25 -28.11 -28.52 19.11
N ASP A 26 -28.04 -29.09 17.91
CA ASP A 26 -26.87 -29.00 17.05
C ASP A 26 -27.26 -28.32 15.74
N ALA A 27 -26.68 -27.16 15.48
CA ALA A 27 -26.98 -26.39 14.29
C ALA A 27 -25.78 -25.50 13.94
N VAL A 28 -25.80 -24.96 12.73
CA VAL A 28 -24.74 -24.09 12.23
C VAL A 28 -25.30 -22.67 12.16
N ILE A 29 -24.65 -21.75 12.87
CA ILE A 29 -25.04 -20.35 12.83
C ILE A 29 -24.37 -19.69 11.63
N MET A 30 -25.17 -19.26 10.67
CA MET A 30 -24.66 -18.61 9.46
C MET A 30 -24.55 -17.11 9.61
N SER A 31 -25.44 -16.50 10.38
CA SER A 31 -25.57 -15.06 10.42
C SER A 31 -26.06 -14.64 11.79
N ASN A 32 -25.58 -13.48 12.24
CA ASN A 32 -26.04 -12.89 13.49
C ASN A 32 -26.20 -11.38 13.36
N LYS A 33 -26.58 -10.93 12.16
CA LYS A 33 -26.69 -9.50 11.89
C LYS A 33 -27.71 -8.85 12.82
N LYS A 34 -27.43 -7.60 13.18
CA LYS A 34 -28.31 -6.80 14.03
C LYS A 34 -29.20 -5.96 13.11
N VAL A 35 -30.50 -6.25 13.13
CA VAL A 35 -31.47 -5.57 12.28
C VAL A 35 -32.26 -4.59 13.13
N ASN A 36 -32.92 -3.64 12.46
CA ASN A 36 -33.69 -2.63 13.18
C ASN A 36 -34.88 -3.29 13.87
N GLY A 37 -34.90 -3.21 15.20
CA GLY A 37 -35.90 -3.86 16.01
C GLY A 37 -35.39 -5.07 16.77
N GLY A 38 -34.17 -5.52 16.51
CA GLY A 38 -33.62 -6.67 17.19
C GLY A 38 -32.44 -7.31 16.50
N ILE A 39 -32.47 -8.63 16.38
CA ILE A 39 -31.37 -9.41 15.81
C ILE A 39 -31.92 -10.48 14.89
N GLU A 40 -31.27 -10.67 13.75
CA GLU A 40 -31.62 -11.73 12.81
C GLU A 40 -30.52 -12.79 12.83
N ILE A 41 -30.92 -14.04 13.05
CA ILE A 41 -30.01 -15.17 13.05
C ILE A 41 -30.45 -16.13 11.94
N VAL A 42 -29.55 -16.41 11.01
CA VAL A 42 -29.76 -17.41 9.98
C VAL A 42 -28.97 -18.66 10.38
N ALA A 43 -29.68 -19.77 10.54
CA ALA A 43 -29.06 -21.00 11.00
C ALA A 43 -29.47 -22.15 10.10
N ALA A 44 -28.66 -23.21 10.13
CA ALA A 44 -28.87 -24.38 9.29
C ALA A 44 -28.59 -25.64 10.07
N VAL A 45 -29.34 -26.70 9.75
CA VAL A 45 -29.13 -28.02 10.32
C VAL A 45 -29.23 -29.05 9.19
N LEU A 46 -28.42 -30.08 9.27
CA LEU A 46 -28.37 -31.10 8.23
C LEU A 46 -29.49 -32.12 8.39
N GLY B 2 -19.82 -19.75 13.55
CA GLY B 2 -20.79 -19.84 14.65
C GLY B 2 -21.60 -21.13 14.58
N LYS B 3 -21.82 -21.77 15.73
CA LYS B 3 -22.56 -23.06 15.75
C LYS B 3 -23.13 -23.34 17.14
N ILE B 4 -24.10 -24.24 17.24
CA ILE B 4 -24.67 -24.64 18.57
C ILE B 4 -24.46 -26.14 18.72
N LYS B 5 -23.91 -26.59 19.85
CA LYS B 5 -23.59 -28.04 20.00
C LYS B 5 -24.05 -28.55 21.37
N ARG B 6 -24.48 -29.80 21.46
CA ARG B 6 -24.87 -30.40 22.75
C ARG B 6 -23.60 -30.89 23.46
N PHE B 7 -22.49 -30.95 22.73
CA PHE B 7 -21.19 -31.40 23.31
C PHE B 7 -21.30 -32.86 23.77
N PHE B 8 -20.84 -33.14 25.00
CA PHE B 8 -20.83 -34.55 25.47
C PHE B 8 -21.29 -34.62 26.93
N ALA B 9 -21.79 -35.78 27.35
CA ALA B 9 -22.24 -35.96 28.75
C ALA B 9 -21.02 -36.17 29.64
N LYS B 10 -20.25 -35.11 29.90
CA LYS B 10 -19.03 -35.21 30.74
C LYS B 10 -19.42 -35.71 32.13
N ASP B 11 -20.66 -35.43 32.57
CA ASP B 11 -21.10 -35.81 33.94
C ASP B 11 -20.39 -34.90 34.93
N MET B 12 -19.56 -33.97 34.43
CA MET B 12 -18.82 -33.02 35.30
C MET B 12 -18.82 -31.65 34.64
N ARG B 13 -18.71 -30.59 35.43
CA ARG B 13 -18.63 -29.22 34.86
C ARG B 13 -17.45 -29.18 33.90
N ALA B 14 -16.53 -30.16 34.01
CA ALA B 14 -15.37 -30.23 33.10
C ALA B 14 -15.86 -30.20 31.65
N ALA B 15 -17.14 -30.51 31.43
CA ALA B 15 -17.71 -30.44 30.06
C ALA B 15 -17.42 -29.06 29.47
N LEU B 16 -17.22 -28.06 30.34
CA LEU B 16 -16.91 -26.69 29.87
C LEU B 16 -15.65 -26.75 29.00
N ALA B 17 -14.71 -27.63 29.35
CA ALA B 17 -13.47 -27.77 28.55
C ALA B 17 -13.85 -28.17 27.13
N GLN B 18 -14.67 -29.22 27.00
CA GLN B 18 -15.15 -29.62 25.65
C GLN B 18 -15.62 -28.35 24.93
N VAL B 19 -16.46 -27.56 25.58
CA VAL B 19 -17.02 -26.34 24.93
C VAL B 19 -15.85 -25.45 24.49
N LYS B 20 -14.88 -25.23 25.38
CA LYS B 20 -13.76 -24.31 25.04
C LYS B 20 -12.90 -24.91 23.92
N ASP B 21 -12.55 -26.20 24.03
CA ASP B 21 -11.64 -26.81 23.02
C ASP B 21 -12.34 -26.86 21.66
N THR B 22 -13.68 -26.93 21.65
CA THR B 22 -14.43 -27.04 20.38
C THR B 22 -14.95 -25.67 19.95
N LEU B 23 -15.75 -25.03 20.79
CA LEU B 23 -16.36 -23.75 20.43
C LEU B 23 -15.41 -22.58 20.62
N GLY B 24 -14.67 -22.55 21.74
CA GLY B 24 -13.70 -21.51 21.97
C GLY B 24 -13.87 -20.87 23.33
N SER B 25 -13.14 -19.78 23.55
CA SER B 25 -13.18 -19.10 24.84
C SER B 25 -14.38 -18.15 24.94
N ASP B 26 -14.80 -17.55 23.83
CA ASP B 26 -15.99 -16.70 23.80
C ASP B 26 -17.15 -17.56 23.35
N ALA B 27 -18.08 -17.85 24.26
CA ALA B 27 -19.21 -18.71 23.95
C ALA B 27 -20.38 -18.36 24.87
N VAL B 28 -21.58 -18.76 24.42
CA VAL B 28 -22.81 -18.57 25.17
C VAL B 28 -23.33 -19.96 25.54
N ILE B 29 -23.41 -20.23 26.83
CA ILE B 29 -23.85 -21.55 27.28
C ILE B 29 -25.35 -21.52 27.52
N MET B 30 -26.02 -22.62 27.16
CA MET B 30 -27.46 -22.75 27.28
C MET B 30 -27.76 -24.11 27.90
N SER B 31 -28.91 -24.19 28.59
CA SER B 31 -29.44 -25.46 29.07
C SER B 31 -28.39 -26.38 29.70
N ASN B 32 -27.80 -25.95 30.80
CA ASN B 32 -26.88 -26.81 31.57
C ASN B 32 -27.65 -27.47 32.71
N LYS B 33 -28.58 -28.33 32.33
CA LYS B 33 -29.51 -28.95 33.28
C LYS B 33 -29.21 -30.42 33.51
N LYS B 34 -27.95 -30.82 33.33
CA LYS B 34 -27.46 -32.15 33.72
C LYS B 34 -28.20 -33.27 32.99
N GLY B 37 -27.74 -39.44 33.95
CA GLY B 37 -26.63 -39.84 34.81
C GLY B 37 -25.49 -38.85 34.78
N GLY B 38 -25.20 -38.31 33.61
CA GLY B 38 -24.16 -37.33 33.42
C GLY B 38 -24.70 -35.91 33.48
N ILE B 39 -24.03 -35.01 32.75
CA ILE B 39 -24.55 -33.66 32.56
C ILE B 39 -24.63 -33.40 31.06
N GLU B 40 -25.45 -32.40 30.71
CA GLU B 40 -25.59 -31.97 29.33
C GLU B 40 -25.58 -30.45 29.29
N ILE B 41 -24.95 -29.90 28.26
CA ILE B 41 -24.87 -28.46 28.08
C ILE B 41 -24.79 -28.16 26.59
N VAL B 42 -25.69 -27.28 26.13
CA VAL B 42 -25.65 -26.79 24.76
C VAL B 42 -25.09 -25.37 24.80
N ALA B 43 -24.06 -25.13 24.01
CA ALA B 43 -23.46 -23.80 23.94
C ALA B 43 -23.45 -23.33 22.50
N ALA B 44 -23.05 -22.07 22.32
CA ALA B 44 -23.11 -21.43 21.02
C ALA B 44 -22.03 -20.38 20.93
N VAL B 45 -21.25 -20.43 19.86
CA VAL B 45 -20.40 -19.32 19.47
C VAL B 45 -21.05 -18.63 18.29
N LEU B 46 -20.79 -17.33 18.18
CA LEU B 46 -21.27 -16.52 17.08
C LEU B 46 -20.10 -16.16 16.19
N GLU B 47 -20.39 -15.87 14.93
CA GLU B 47 -19.40 -15.29 14.04
C GLU B 47 -19.46 -13.77 14.20
N HIS B 48 -18.31 -13.16 14.51
CA HIS B 48 -18.27 -11.75 14.83
C HIS B 48 -18.89 -10.91 13.71
N HIS B 49 -19.68 -9.91 14.11
CA HIS B 49 -20.39 -9.01 13.21
C HIS B 49 -21.03 -9.74 12.02
N GLY C 2 4.15 7.62 17.32
CA GLY C 2 4.07 8.20 15.99
C GLY C 2 2.96 7.59 15.14
N LYS C 3 2.35 8.41 14.30
CA LYS C 3 1.24 7.97 13.46
C LYS C 3 1.37 8.55 12.06
N ILE C 4 0.84 7.83 11.08
CA ILE C 4 0.58 8.35 9.74
C ILE C 4 -0.91 8.21 9.48
N LYS C 5 -1.58 9.35 9.25
CA LYS C 5 -3.01 9.37 9.01
C LYS C 5 -3.30 10.13 7.72
N ARG C 6 -4.41 9.76 7.09
CA ARG C 6 -4.86 10.38 5.85
C ARG C 6 -6.08 11.24 6.15
N PHE C 7 -6.10 12.44 5.60
CA PHE C 7 -7.15 13.42 5.88
C PHE C 7 -7.80 13.88 4.59
N PHE C 8 -9.07 14.24 4.68
N PHE C 8 -9.05 14.31 4.70
CA PHE C 8 -9.83 14.74 3.54
CA PHE C 8 -9.84 14.72 3.56
C PHE C 8 -10.65 15.95 3.95
C PHE C 8 -10.69 15.93 3.93
N ALA C 9 -10.74 16.91 3.03
CA ALA C 9 -11.60 18.07 3.18
C ALA C 9 -11.93 18.61 1.80
N LYS C 10 -12.91 19.50 1.73
CA LYS C 10 -13.27 20.09 0.46
C LYS C 10 -12.26 21.15 0.04
N ASP C 11 -11.66 21.84 1.00
CA ASP C 11 -10.64 22.85 0.73
C ASP C 11 -9.37 22.51 1.50
N MET C 12 -8.26 23.09 1.04
CA MET C 12 -6.97 22.83 1.67
C MET C 12 -6.93 23.35 3.11
N ARG C 13 -7.64 24.44 3.38
CA ARG C 13 -7.62 25.02 4.73
C ARG C 13 -8.16 24.05 5.76
N ALA C 14 -9.36 23.50 5.54
CA ALA C 14 -9.92 22.55 6.49
C ALA C 14 -9.09 21.28 6.58
N ALA C 15 -8.49 20.86 5.46
CA ALA C 15 -7.64 19.67 5.48
C ALA C 15 -6.44 19.89 6.38
N LEU C 16 -5.84 21.08 6.32
CA LEU C 16 -4.76 21.40 7.24
C LEU C 16 -5.25 21.50 8.67
N ALA C 17 -6.46 22.04 8.87
CA ALA C 17 -7.02 22.13 10.21
C ALA C 17 -7.19 20.75 10.83
N GLN C 18 -7.70 19.79 10.06
CA GLN C 18 -7.86 18.43 10.57
C GLN C 18 -6.53 17.83 10.96
N VAL C 19 -5.46 18.20 10.26
CA VAL C 19 -4.13 17.71 10.62
C VAL C 19 -3.69 18.29 11.94
N LYS C 20 -3.94 19.59 12.17
CA LYS C 20 -3.53 20.21 13.42
C LYS C 20 -4.38 19.72 14.58
N ASP C 21 -5.69 19.59 14.37
CA ASP C 21 -6.59 19.14 15.43
C ASP C 21 -6.29 17.71 15.86
N THR C 22 -5.61 16.92 15.03
CA THR C 22 -5.32 15.53 15.34
C THR C 22 -3.83 15.33 15.62
N LEU C 23 -2.97 15.47 14.61
CA LEU C 23 -1.54 15.22 14.78
C LEU C 23 -0.86 16.32 15.58
N GLY C 24 -1.42 17.51 15.63
CA GLY C 24 -0.85 18.60 16.41
C GLY C 24 -0.23 19.67 15.52
N SER C 25 0.47 20.60 16.18
CA SER C 25 1.04 21.74 15.47
C SER C 25 2.28 21.34 14.67
N ASP C 26 3.05 20.37 15.15
CA ASP C 26 4.24 19.90 14.45
C ASP C 26 3.90 18.59 13.75
N ALA C 27 3.93 18.62 12.42
CA ALA C 27 3.62 17.44 11.61
C ALA C 27 4.32 17.56 10.26
N VAL C 28 4.40 16.44 9.56
CA VAL C 28 5.06 16.37 8.26
C VAL C 28 4.00 16.05 7.21
N ILE C 29 3.88 16.91 6.21
CA ILE C 29 2.98 16.63 5.08
C ILE C 29 3.73 15.78 4.08
N MET C 30 3.21 14.58 3.80
CA MET C 30 3.78 13.72 2.80
C MET C 30 3.03 13.77 1.48
N SER C 31 1.78 14.22 1.52
CA SER C 31 0.95 14.24 0.28
C SER C 31 -0.16 15.30 0.40
N ASN C 32 -0.45 15.99 -0.70
CA ASN C 32 -1.54 17.00 -0.71
C ASN C 32 -2.28 16.89 -2.05
N LYS C 33 -2.64 15.67 -2.46
CA LYS C 33 -3.29 15.45 -3.77
C LYS C 33 -4.70 16.01 -3.77
N LYS C 34 -5.28 16.23 -4.96
CA LYS C 34 -6.67 16.72 -5.05
C LYS C 34 -7.56 15.57 -5.52
N VAL C 35 -8.54 15.17 -4.70
CA VAL C 35 -9.45 14.05 -5.05
C VAL C 35 -10.75 14.62 -5.63
N ASN C 36 -11.62 13.76 -6.15
CA ASN C 36 -12.89 14.24 -6.77
C ASN C 36 -13.66 15.07 -5.75
N GLY C 37 -13.77 14.58 -4.51
CA GLY C 37 -14.49 15.31 -3.46
C GLY C 37 -13.80 16.61 -3.08
N GLY C 38 -12.47 16.59 -3.00
CA GLY C 38 -11.71 17.78 -2.58
C GLY C 38 -10.22 17.52 -2.51
N ILE C 39 -9.63 17.62 -1.31
CA ILE C 39 -8.15 17.47 -1.17
C ILE C 39 -7.83 16.31 -0.22
N GLU C 40 -6.85 15.48 -0.56
CA GLU C 40 -6.42 14.36 0.33
C GLU C 40 -5.05 14.71 0.90
N ILE C 41 -4.92 14.73 2.23
CA ILE C 41 -3.63 15.14 2.86
C ILE C 41 -3.09 14.01 3.72
N VAL C 42 -1.95 13.42 3.34
CA VAL C 42 -1.30 12.40 4.16
C VAL C 42 -0.26 13.10 5.01
N ALA C 43 -0.50 13.16 6.32
CA ALA C 43 0.41 13.79 7.24
C ALA C 43 0.90 12.77 8.26
N ALA C 44 2.15 12.93 8.68
CA ALA C 44 2.78 12.01 9.62
C ALA C 44 3.33 12.78 10.81
N VAL C 45 3.14 12.20 12.00
CA VAL C 45 3.72 12.72 13.23
C VAL C 45 4.59 11.63 13.83
N LEU C 46 5.66 12.04 14.50
CA LEU C 46 6.62 11.12 15.08
C LEU C 46 7.12 11.67 16.41
N GLU C 47 7.52 10.76 17.29
CA GLU C 47 7.86 11.13 18.65
C GLU C 47 8.73 10.07 19.31
N MET D 1 14.24 -20.98 14.27
CA MET D 1 13.67 -19.82 13.59
C MET D 1 12.20 -20.08 13.31
N GLY D 2 11.38 -19.02 13.29
CA GLY D 2 9.98 -19.13 12.96
C GLY D 2 9.08 -19.40 14.15
N LYS D 3 8.31 -18.41 14.58
CA LYS D 3 7.43 -18.54 15.74
C LYS D 3 6.14 -17.78 15.48
N ILE D 4 5.07 -18.24 16.14
CA ILE D 4 3.84 -17.47 16.29
C ILE D 4 3.60 -17.33 17.79
N LYS D 5 3.47 -16.10 18.25
CA LYS D 5 3.25 -15.83 19.67
C LYS D 5 2.06 -14.89 19.84
N ARG D 6 1.47 -14.96 21.02
CA ARG D 6 0.31 -14.16 21.38
C ARG D 6 0.71 -13.17 22.46
N PHE D 7 0.32 -11.91 22.27
CA PHE D 7 0.73 -10.81 23.14
C PHE D 7 -0.49 -10.08 23.64
N PHE D 8 -0.35 -9.47 24.82
N PHE D 8 -0.36 -9.47 24.82
CA PHE D 8 -1.41 -8.74 25.49
CA PHE D 8 -1.46 -8.66 25.32
C PHE D 8 -0.86 -7.48 26.14
C PHE D 8 -0.92 -7.51 26.14
N ALA D 9 -1.58 -6.36 26.01
CA ALA D 9 -1.25 -5.16 26.75
C ALA D 9 -2.53 -4.35 26.92
N LYS D 10 -2.44 -3.29 27.72
CA LYS D 10 -3.60 -2.43 27.91
C LYS D 10 -3.88 -1.60 26.65
N ASP D 11 -2.83 -1.13 26.00
CA ASP D 11 -2.96 -0.31 24.79
C ASP D 11 -2.27 -1.01 23.63
N MET D 12 -2.65 -0.59 22.42
CA MET D 12 -2.06 -1.16 21.21
C MET D 12 -0.57 -0.85 21.12
N ARG D 13 -0.17 0.35 21.55
CA ARG D 13 1.23 0.73 21.50
C ARG D 13 2.10 -0.22 22.31
N ALA D 14 1.70 -0.49 23.56
CA ALA D 14 2.47 -1.40 24.39
C ALA D 14 2.43 -2.82 23.83
N ALA D 15 1.31 -3.21 23.22
CA ALA D 15 1.24 -4.52 22.59
C ALA D 15 2.18 -4.63 21.41
N LEU D 16 2.24 -3.57 20.59
CA LEU D 16 3.23 -3.53 19.51
C LEU D 16 4.65 -3.55 20.05
N ALA D 17 4.87 -2.90 21.21
CA ALA D 17 6.21 -2.89 21.79
C ALA D 17 6.64 -4.29 22.20
N GLN D 18 5.74 -5.05 22.82
CA GLN D 18 6.08 -6.42 23.22
C GLN D 18 6.37 -7.29 22.00
N VAL D 19 5.71 -7.02 20.87
CA VAL D 19 5.98 -7.77 19.65
C VAL D 19 7.38 -7.45 19.14
N LYS D 20 7.76 -6.17 19.15
CA LYS D 20 9.07 -5.79 18.65
C LYS D 20 10.19 -6.29 19.56
N ASP D 21 9.97 -6.25 20.88
CA ASP D 21 11.00 -6.68 21.82
C ASP D 21 11.29 -8.17 21.70
N THR D 22 10.28 -8.97 21.35
CA THR D 22 10.43 -10.42 21.28
C THR D 22 10.68 -10.92 19.85
N LEU D 23 9.86 -10.51 18.89
CA LEU D 23 10.02 -10.99 17.53
C LEU D 23 11.05 -10.16 16.76
N GLY D 24 10.88 -8.85 16.73
CA GLY D 24 11.84 -7.98 16.07
C GLY D 24 11.14 -6.94 15.24
N SER D 25 11.95 -6.22 14.44
CA SER D 25 11.42 -5.13 13.64
C SER D 25 10.62 -5.63 12.44
N ASP D 26 10.83 -6.87 12.00
CA ASP D 26 10.08 -7.46 10.90
C ASP D 26 9.22 -8.60 11.44
N ALA D 27 7.90 -8.43 11.35
CA ALA D 27 6.97 -9.44 11.84
C ALA D 27 5.64 -9.26 11.13
N VAL D 28 4.83 -10.31 11.17
CA VAL D 28 3.51 -10.33 10.54
C VAL D 28 2.45 -10.22 11.62
N ILE D 29 1.65 -9.17 11.58
CA ILE D 29 0.57 -9.01 12.54
C ILE D 29 -0.64 -9.79 12.03
N MET D 30 -0.93 -10.91 12.67
CA MET D 30 -2.04 -11.76 12.26
C MET D 30 -3.35 -11.32 12.89
N SER D 31 -3.32 -10.89 14.15
CA SER D 31 -4.52 -10.53 14.89
C SER D 31 -4.24 -9.32 15.76
N ASN D 32 -5.29 -8.55 16.05
CA ASN D 32 -5.21 -7.45 16.98
C ASN D 32 -6.58 -7.16 17.57
N LYS D 33 -7.21 -8.18 18.15
CA LYS D 33 -8.56 -8.06 18.66
C LYS D 33 -8.60 -7.28 19.96
N LYS D 34 -9.75 -6.67 20.23
CA LYS D 34 -10.03 -6.05 21.53
C LYS D 34 -10.73 -7.09 22.39
N VAL D 35 -10.02 -7.61 23.39
CA VAL D 35 -10.62 -8.50 24.37
C VAL D 35 -10.48 -7.84 25.75
N ASN D 36 -11.32 -8.30 26.68
CA ASN D 36 -11.57 -7.58 27.93
C ASN D 36 -10.30 -7.33 28.74
N GLY D 37 -9.89 -6.07 28.83
CA GLY D 37 -8.69 -5.67 29.54
C GLY D 37 -7.64 -4.99 28.68
N GLY D 38 -7.89 -4.77 27.39
CA GLY D 38 -6.89 -4.20 26.51
C GLY D 38 -6.92 -4.81 25.12
N ILE D 39 -5.75 -5.09 24.54
CA ILE D 39 -5.65 -5.55 23.16
C ILE D 39 -4.78 -6.80 23.12
N GLU D 40 -5.23 -7.81 22.37
CA GLU D 40 -4.47 -9.04 22.13
C GLU D 40 -3.96 -9.02 20.70
N ILE D 41 -2.65 -9.15 20.53
CA ILE D 41 -2.01 -9.19 19.22
C ILE D 41 -1.39 -10.57 19.02
N VAL D 42 -1.76 -11.23 17.93
CA VAL D 42 -1.11 -12.46 17.50
C VAL D 42 -0.16 -12.10 16.36
N ALA D 43 1.14 -12.28 16.59
CA ALA D 43 2.15 -11.94 15.60
C ALA D 43 2.97 -13.17 15.26
N ALA D 44 3.48 -13.19 14.03
CA ALA D 44 4.28 -14.30 13.52
C ALA D 44 5.57 -13.75 12.91
N VAL D 45 6.66 -14.48 13.12
CA VAL D 45 7.94 -14.16 12.51
C VAL D 45 8.46 -15.42 11.83
N LEU D 46 9.23 -15.22 10.77
CA LEU D 46 9.71 -16.33 9.96
C LEU D 46 11.23 -16.39 9.93
N MET E 1 5.77 5.20 -13.35
CA MET E 1 5.74 3.93 -12.63
C MET E 1 4.55 3.08 -13.06
N GLY E 2 3.83 3.57 -14.07
CA GLY E 2 2.64 2.88 -14.52
C GLY E 2 2.92 1.49 -15.04
N LYS E 3 1.91 0.63 -14.96
CA LYS E 3 2.01 -0.75 -15.41
C LYS E 3 0.69 -1.17 -16.04
N ILE E 4 0.79 -2.12 -16.98
CA ILE E 4 -0.37 -2.81 -17.52
C ILE E 4 -0.27 -4.25 -17.05
N LYS E 5 -1.32 -4.75 -16.40
CA LYS E 5 -1.30 -6.09 -15.82
C LYS E 5 -2.61 -6.80 -16.15
N ARG E 6 -2.53 -8.12 -16.27
CA ARG E 6 -3.67 -8.96 -16.61
C ARG E 6 -4.00 -9.84 -15.40
N PHE E 7 -5.27 -9.88 -15.03
CA PHE E 7 -5.75 -10.64 -13.88
C PHE E 7 -6.82 -11.63 -14.30
N PHE E 8 -6.97 -12.69 -13.49
CA PHE E 8 -7.98 -13.71 -13.74
C PHE E 8 -8.60 -14.12 -12.42
N ALA E 9 -9.93 -14.24 -12.40
CA ALA E 9 -10.65 -14.68 -11.22
C ALA E 9 -12.02 -15.22 -11.64
N LYS E 10 -12.56 -16.11 -10.82
CA LYS E 10 -13.86 -16.71 -11.13
C LYS E 10 -14.98 -15.68 -11.01
N ASP E 11 -14.93 -14.84 -9.98
CA ASP E 11 -15.93 -13.82 -9.73
C ASP E 11 -15.35 -12.45 -10.04
N MET E 12 -16.16 -11.60 -10.68
CA MET E 12 -15.67 -10.28 -11.07
C MET E 12 -15.39 -9.39 -9.86
N ARG E 13 -15.99 -9.72 -8.71
CA ARG E 13 -15.68 -8.98 -7.49
C ARG E 13 -14.22 -9.17 -7.09
N ALA E 14 -13.67 -10.36 -7.32
CA ALA E 14 -12.31 -10.66 -6.87
C ALA E 14 -11.26 -10.00 -7.75
N ALA E 15 -11.39 -10.16 -9.08
CA ALA E 15 -10.41 -9.58 -9.99
C ALA E 15 -10.40 -8.06 -9.90
N LEU E 16 -11.57 -7.45 -9.68
CA LEU E 16 -11.59 -6.01 -9.41
C LEU E 16 -10.78 -5.69 -8.17
N ALA E 17 -10.88 -6.52 -7.13
CA ALA E 17 -10.10 -6.31 -5.92
C ALA E 17 -8.61 -6.51 -6.19
N GLN E 18 -8.26 -7.49 -7.05
CA GLN E 18 -6.86 -7.67 -7.40
C GLN E 18 -6.31 -6.44 -8.11
N VAL E 19 -7.13 -5.81 -8.95
CA VAL E 19 -6.71 -4.57 -9.61
C VAL E 19 -6.51 -3.47 -8.56
N LYS E 20 -7.45 -3.35 -7.63
CA LYS E 20 -7.34 -2.34 -6.58
C LYS E 20 -6.14 -2.59 -5.68
N ASP E 21 -5.91 -3.85 -5.32
CA ASP E 21 -4.82 -4.15 -4.38
C ASP E 21 -3.46 -3.93 -5.02
N THR E 22 -3.29 -4.35 -6.27
CA THR E 22 -2.01 -4.23 -6.95
C THR E 22 -1.83 -2.87 -7.61
N LEU E 23 -2.80 -2.45 -8.42
CA LEU E 23 -2.63 -1.23 -9.21
C LEU E 23 -3.01 0.02 -8.42
N GLY E 24 -4.12 0.00 -7.70
CA GLY E 24 -4.49 1.11 -6.85
C GLY E 24 -5.92 1.54 -7.09
N SER E 25 -6.25 2.73 -6.56
CA SER E 25 -7.62 3.22 -6.62
C SER E 25 -7.93 3.86 -7.96
N ASP E 26 -6.97 4.58 -8.54
CA ASP E 26 -7.14 5.21 -9.84
C ASP E 26 -6.43 4.36 -10.89
N ALA E 27 -7.22 3.70 -11.74
CA ALA E 27 -6.69 2.82 -12.76
C ALA E 27 -7.65 2.76 -13.92
N VAL E 28 -7.17 2.26 -15.05
CA VAL E 28 -7.94 2.15 -16.28
C VAL E 28 -8.01 0.67 -16.65
N ILE E 29 -9.21 0.13 -16.69
CA ILE E 29 -9.39 -1.24 -17.20
C ILE E 29 -9.63 -1.14 -18.69
N MET E 30 -9.12 -2.13 -19.42
CA MET E 30 -9.25 -2.14 -20.87
C MET E 30 -9.75 -3.48 -21.42
N SER E 31 -9.90 -4.48 -20.55
CA SER E 31 -10.41 -5.80 -20.98
C SER E 31 -11.12 -6.48 -19.80
N ASN E 32 -12.44 -6.62 -19.89
CA ASN E 32 -13.23 -7.25 -18.80
C ASN E 32 -14.08 -8.38 -19.39
N LYS E 33 -13.46 -9.54 -19.64
CA LYS E 33 -14.20 -10.67 -20.28
C LYS E 33 -13.90 -11.97 -19.54
N LYS E 34 -14.80 -12.95 -19.63
CA LYS E 34 -14.60 -14.25 -18.94
C LYS E 34 -14.01 -15.25 -19.94
N VAL E 35 -13.12 -16.14 -19.47
CA VAL E 35 -12.44 -17.10 -20.37
C VAL E 35 -12.87 -18.53 -20.02
N ASN E 36 -12.15 -19.16 -19.08
CA ASN E 36 -12.46 -20.55 -18.68
C ASN E 36 -12.76 -20.61 -17.19
N GLY E 37 -14.01 -20.91 -16.83
CA GLY E 37 -14.39 -21.03 -15.40
C GLY E 37 -13.91 -19.83 -14.60
N GLY E 38 -13.98 -18.64 -15.19
CA GLY E 38 -13.49 -17.42 -14.51
C GLY E 38 -13.52 -16.21 -15.43
N ILE E 39 -12.91 -15.10 -14.99
CA ILE E 39 -12.92 -13.84 -15.80
C ILE E 39 -11.48 -13.40 -16.01
N GLU E 40 -11.24 -12.57 -17.03
CA GLU E 40 -9.88 -12.01 -17.25
C GLU E 40 -9.99 -10.49 -17.35
N ILE E 41 -9.30 -9.76 -16.46
CA ILE E 41 -9.39 -8.27 -16.45
C ILE E 41 -8.03 -7.68 -16.78
N VAL E 42 -7.96 -6.86 -17.84
CA VAL E 42 -6.67 -6.19 -18.19
C VAL E 42 -6.79 -4.72 -17.78
N ALA E 43 -6.05 -4.31 -16.75
CA ALA E 43 -6.13 -2.94 -16.25
C ALA E 43 -4.74 -2.32 -16.29
N ALA E 44 -4.71 -1.01 -16.06
CA ALA E 44 -3.46 -0.26 -16.17
C ALA E 44 -3.51 0.97 -15.29
N VAL E 45 -2.41 1.24 -14.61
CA VAL E 45 -2.16 2.54 -14.00
C VAL E 45 -1.18 3.31 -14.88
N LEU E 46 -1.04 4.59 -14.63
CA LEU E 46 -0.22 5.47 -15.44
C LEU E 46 0.86 6.10 -14.59
N GLU E 47 1.84 6.68 -15.28
CA GLU E 47 2.85 7.48 -14.61
C GLU E 47 2.26 8.84 -14.25
N HIS E 48 2.59 9.33 -13.06
CA HIS E 48 2.02 10.58 -12.56
C HIS E 48 2.36 11.75 -13.48
N MET F 1 -1.32 -32.93 23.14
CA MET F 1 -0.73 -33.70 22.05
C MET F 1 -0.30 -32.81 20.90
N GLY F 2 0.99 -32.49 20.87
CA GLY F 2 1.50 -31.63 19.83
C GLY F 2 1.39 -32.24 18.45
N LYS F 3 1.49 -31.40 17.44
CA LYS F 3 1.37 -31.81 16.05
C LYS F 3 2.40 -31.07 15.21
N ILE F 4 2.93 -31.76 14.21
CA ILE F 4 3.60 -31.11 13.09
C ILE F 4 2.72 -31.35 11.87
N LYS F 5 2.06 -30.30 11.40
CA LYS F 5 1.25 -30.39 10.19
C LYS F 5 1.85 -29.48 9.12
N ARG F 6 1.77 -29.93 7.87
CA ARG F 6 2.22 -29.15 6.73
C ARG F 6 1.02 -28.43 6.12
N PHE F 7 1.22 -27.16 5.78
CA PHE F 7 0.17 -26.34 5.20
C PHE F 7 0.59 -25.79 3.85
N PHE F 8 -0.37 -25.70 2.94
CA PHE F 8 -0.16 -25.12 1.62
C PHE F 8 -1.21 -24.04 1.39
N ALA F 9 -0.77 -22.88 0.92
CA ALA F 9 -1.69 -21.80 0.61
C ALA F 9 -1.06 -20.89 -0.43
N LYS F 10 -1.91 -20.31 -1.28
CA LYS F 10 -1.44 -19.41 -2.32
C LYS F 10 -0.82 -18.14 -1.74
N ASP F 11 -1.28 -17.73 -0.56
CA ASP F 11 -0.80 -16.52 0.09
C ASP F 11 -0.11 -16.89 1.40
N MET F 12 0.96 -16.15 1.72
CA MET F 12 1.69 -16.43 2.95
C MET F 12 0.83 -16.13 4.18
N ARG F 13 0.00 -15.08 4.10
CA ARG F 13 -0.90 -14.78 5.20
C ARG F 13 -1.97 -15.86 5.34
N ALA F 14 -2.42 -16.44 4.22
CA ALA F 14 -3.43 -17.49 4.28
C ALA F 14 -2.90 -18.74 4.95
N ALA F 15 -1.65 -19.11 4.65
CA ALA F 15 -1.06 -20.29 5.29
C ALA F 15 -0.84 -20.07 6.78
N LEU F 16 -0.46 -18.84 7.16
CA LEU F 16 -0.34 -18.53 8.58
C LEU F 16 -1.68 -18.62 9.29
N ALA F 17 -2.76 -18.25 8.60
CA ALA F 17 -4.09 -18.38 9.18
C ALA F 17 -4.44 -19.84 9.43
N GLN F 18 -4.09 -20.72 8.51
CA GLN F 18 -4.33 -22.15 8.71
C GLN F 18 -3.58 -22.66 9.93
N VAL F 19 -2.37 -22.15 10.16
CA VAL F 19 -1.60 -22.54 11.34
C VAL F 19 -2.29 -22.04 12.60
N LYS F 20 -2.71 -20.77 12.59
CA LYS F 20 -3.38 -20.20 13.75
C LYS F 20 -4.71 -20.88 14.01
N ASP F 21 -5.43 -21.24 12.94
CA ASP F 21 -6.77 -21.80 13.12
C ASP F 21 -6.71 -23.23 13.63
N THR F 22 -5.76 -24.02 13.14
CA THR F 22 -5.65 -25.42 13.53
C THR F 22 -4.70 -25.60 14.72
N LEU F 23 -3.43 -25.21 14.55
CA LEU F 23 -2.45 -25.39 15.62
C LEU F 23 -2.61 -24.36 16.73
N GLY F 24 -2.87 -23.10 16.41
CA GLY F 24 -3.17 -22.13 17.44
C GLY F 24 -2.27 -20.92 17.51
N SER F 25 -2.30 -20.23 18.66
CA SER F 25 -1.58 -18.96 18.79
C SER F 25 -0.10 -19.17 19.13
N ASP F 26 0.23 -20.22 19.88
CA ASP F 26 1.61 -20.54 20.19
C ASP F 26 2.05 -21.69 19.28
N ALA F 27 2.90 -21.39 18.32
CA ALA F 27 3.34 -22.39 17.35
C ALA F 27 4.76 -22.06 16.91
N VAL F 28 5.33 -22.97 16.12
CA VAL F 28 6.72 -22.88 15.68
C VAL F 28 6.75 -23.13 14.18
N ILE F 29 7.10 -22.11 13.41
CA ILE F 29 7.27 -22.27 11.96
C ILE F 29 8.59 -22.98 11.73
N MET F 30 8.52 -24.20 11.19
CA MET F 30 9.75 -24.97 10.89
C MET F 30 10.19 -24.67 9.45
N SER F 31 9.23 -24.54 8.53
CA SER F 31 9.55 -24.20 7.12
C SER F 31 8.59 -23.14 6.60
N ASN F 32 9.06 -22.28 5.69
CA ASN F 32 8.20 -21.21 5.12
C ASN F 32 8.45 -21.14 3.60
N LYS F 33 8.67 -22.30 2.97
CA LYS F 33 8.97 -22.34 1.51
C LYS F 33 7.70 -22.02 0.72
N LYS F 34 7.84 -21.47 -0.49
CA LYS F 34 6.66 -21.18 -1.35
C LYS F 34 6.62 -22.22 -2.47
N VAL F 35 5.58 -23.07 -2.47
CA VAL F 35 5.48 -24.17 -3.48
C VAL F 35 4.96 -23.58 -4.79
N ASN F 36 4.91 -24.40 -5.85
CA ASN F 36 4.38 -23.93 -7.16
C ASN F 36 2.97 -23.36 -6.94
N GLY F 37 2.70 -22.16 -7.48
CA GLY F 37 1.36 -21.56 -7.37
C GLY F 37 0.88 -21.52 -5.93
N GLY F 38 1.76 -21.15 -5.00
CA GLY F 38 1.37 -21.07 -3.57
C GLY F 38 2.58 -21.10 -2.65
N ILE F 39 2.38 -21.52 -1.40
CA ILE F 39 3.52 -21.63 -0.44
C ILE F 39 3.34 -22.91 0.38
N GLU F 40 4.44 -23.52 0.80
CA GLU F 40 4.35 -24.74 1.67
C GLU F 40 5.08 -24.44 2.99
N ILE F 41 4.33 -24.27 4.07
CA ILE F 41 4.95 -23.98 5.40
C ILE F 41 4.63 -25.14 6.35
N VAL F 42 5.65 -25.62 7.07
CA VAL F 42 5.40 -26.70 8.07
C VAL F 42 5.57 -26.09 9.47
N ALA F 43 4.58 -26.28 10.34
CA ALA F 43 4.63 -25.68 11.69
C ALA F 43 4.40 -26.77 12.74
N ALA F 44 4.69 -26.47 14.00
CA ALA F 44 4.56 -27.50 15.06
C ALA F 44 4.08 -26.86 16.36
N VAL F 45 3.27 -27.59 17.14
CA VAL F 45 2.82 -27.09 18.46
C VAL F 45 3.28 -28.10 19.51
N LEU F 46 4.05 -27.65 20.51
CA LEU F 46 4.48 -28.56 21.59
C LEU F 46 3.23 -29.09 22.31
N GLU F 47 2.30 -28.20 22.66
CA GLU F 47 1.03 -28.62 23.31
C GLU F 47 1.37 -29.41 24.59
N HIS F 48 2.50 -29.12 25.22
CA HIS F 48 2.90 -29.80 26.47
C HIS F 48 3.81 -28.89 27.30
N HIS F 49 4.10 -29.27 28.55
CA HIS F 49 4.99 -28.47 29.42
C HIS F 49 6.20 -27.99 28.62
N GLY G 2 25.02 2.56 -32.61
CA GLY G 2 24.42 1.58 -31.71
C GLY G 2 25.32 1.18 -30.56
N LYS G 3 24.72 0.80 -29.44
CA LYS G 3 25.46 0.40 -28.25
C LYS G 3 24.79 -0.77 -27.58
N ILE G 4 25.59 -1.54 -26.83
CA ILE G 4 25.09 -2.45 -25.80
C ILE G 4 25.72 -2.02 -24.49
N LYS G 5 24.89 -1.77 -23.48
CA LYS G 5 25.40 -1.33 -22.20
C LYS G 5 24.72 -2.11 -21.08
N ARG G 6 25.48 -2.35 -20.01
CA ARG G 6 24.99 -2.94 -18.79
C ARG G 6 24.62 -1.85 -17.78
N PHE G 7 23.48 -2.01 -17.13
CA PHE G 7 23.02 -1.06 -16.12
C PHE G 7 22.74 -1.79 -14.81
N PHE G 8 22.98 -1.10 -13.71
CA PHE G 8 22.72 -1.63 -12.38
C PHE G 8 21.94 -0.61 -11.57
N ALA G 9 20.80 -1.04 -11.03
CA ALA G 9 19.98 -0.21 -10.17
C ALA G 9 19.41 -1.08 -9.05
N LYS G 10 18.73 -0.43 -8.11
CA LYS G 10 18.13 -1.16 -7.00
C LYS G 10 16.68 -1.54 -7.25
N ASP G 11 16.01 -0.89 -8.20
CA ASP G 11 14.65 -1.23 -8.58
C ASP G 11 14.52 -1.18 -10.10
N MET G 12 13.49 -1.85 -10.61
CA MET G 12 13.34 -2.00 -12.05
C MET G 12 13.01 -0.67 -12.73
N ARG G 13 12.38 0.25 -12.01
CA ARG G 13 12.03 1.53 -12.62
C ARG G 13 13.28 2.35 -12.94
N ALA G 14 14.29 2.29 -12.08
CA ALA G 14 15.49 3.10 -12.30
C ALA G 14 16.35 2.52 -13.42
N ALA G 15 16.54 1.20 -13.42
CA ALA G 15 17.32 0.57 -14.48
C ALA G 15 16.67 0.77 -15.83
N LEU G 16 15.34 0.64 -15.90
CA LEU G 16 14.64 0.98 -17.14
C LEU G 16 14.83 2.46 -17.48
N ALA G 17 14.81 3.34 -16.46
CA ALA G 17 15.00 4.76 -16.71
C ALA G 17 16.39 5.04 -17.29
N GLN G 18 17.43 4.38 -16.76
CA GLN G 18 18.77 4.56 -17.29
C GLN G 18 18.85 4.11 -18.75
N VAL G 19 18.15 3.03 -19.09
CA VAL G 19 18.11 2.56 -20.48
C VAL G 19 17.43 3.59 -21.35
N LYS G 20 16.28 4.11 -20.89
CA LYS G 20 15.56 5.11 -21.66
C LYS G 20 16.37 6.41 -21.76
N ASP G 21 17.07 6.77 -20.70
CA ASP G 21 17.78 8.06 -20.68
C ASP G 21 19.01 8.01 -21.57
N THR G 22 19.70 6.88 -21.61
CA THR G 22 20.93 6.74 -22.38
C THR G 22 20.69 6.10 -23.75
N LEU G 23 20.05 4.93 -23.78
CA LEU G 23 19.89 4.18 -25.02
C LEU G 23 18.72 4.70 -25.86
N GLY G 24 17.72 5.31 -25.23
CA GLY G 24 16.61 5.89 -25.95
C GLY G 24 15.33 5.11 -25.75
N SER G 25 14.33 5.46 -26.57
CA SER G 25 13.00 4.88 -26.47
C SER G 25 12.86 3.59 -27.27
N ASP G 26 13.64 3.41 -28.33
CA ASP G 26 13.64 2.18 -29.11
C ASP G 26 14.87 1.38 -28.70
N ALA G 27 14.65 0.36 -27.88
CA ALA G 27 15.75 -0.44 -27.35
C ALA G 27 15.27 -1.87 -27.20
N VAL G 28 16.20 -2.75 -26.81
CA VAL G 28 15.85 -4.19 -26.62
C VAL G 28 16.49 -4.67 -25.31
N ILE G 29 15.68 -5.23 -24.41
CA ILE G 29 16.21 -5.72 -23.11
C ILE G 29 16.81 -7.12 -23.33
N MET G 30 18.14 -7.19 -23.44
CA MET G 30 18.82 -8.50 -23.63
C MET G 30 18.80 -9.26 -22.30
N SER G 31 19.08 -8.58 -21.19
CA SER G 31 19.09 -9.24 -19.86
C SER G 31 18.36 -8.36 -18.85
N ASN G 32 17.74 -8.98 -17.84
CA ASN G 32 16.99 -8.23 -16.80
C ASN G 32 16.97 -9.05 -15.51
N LYS G 33 18.15 -9.24 -14.89
CA LYS G 33 18.23 -10.07 -13.66
C LYS G 33 18.87 -9.25 -12.54
N LYS G 34 18.28 -9.26 -11.35
CA LYS G 34 18.84 -8.53 -10.19
C LYS G 34 20.17 -9.19 -9.80
N VAL G 35 21.13 -8.39 -9.33
CA VAL G 35 22.46 -8.92 -8.92
C VAL G 35 22.82 -8.35 -7.54
N ASN G 36 23.51 -9.14 -6.71
CA ASN G 36 23.91 -8.65 -5.37
C ASN G 36 22.67 -8.11 -4.67
N GLY G 37 22.66 -6.82 -4.33
CA GLY G 37 21.49 -6.19 -3.69
C GLY G 37 20.66 -5.39 -4.68
N GLY G 38 21.13 -5.29 -5.93
CA GLY G 38 20.41 -4.50 -6.95
C GLY G 38 19.99 -5.35 -8.13
N ILE G 39 19.77 -4.72 -9.28
CA ILE G 39 19.34 -5.46 -10.51
C ILE G 39 20.31 -5.12 -11.65
N GLU G 40 20.47 -6.02 -12.60
CA GLU G 40 21.39 -5.79 -13.76
C GLU G 40 20.61 -6.00 -15.06
N ILE G 41 20.63 -5.01 -15.96
CA ILE G 41 19.88 -5.12 -17.24
C ILE G 41 20.82 -4.81 -18.41
N VAL G 42 20.94 -5.72 -19.36
CA VAL G 42 21.75 -5.48 -20.55
C VAL G 42 20.81 -5.15 -21.69
N ALA G 43 20.94 -3.95 -22.26
CA ALA G 43 20.08 -3.51 -23.33
C ALA G 43 20.93 -2.99 -24.49
N ALA G 44 20.28 -2.80 -25.63
CA ALA G 44 20.97 -2.42 -26.86
C ALA G 44 20.10 -1.45 -27.67
N VAL G 45 20.76 -0.59 -28.44
CA VAL G 45 20.08 0.41 -29.25
C VAL G 45 19.73 -0.12 -30.63
N LEU G 46 20.71 -0.77 -31.28
CA LEU G 46 20.59 -1.20 -32.68
C LEU G 46 20.43 -0.03 -33.63
N GLU G 47 21.07 1.09 -33.30
CA GLU G 47 20.91 2.30 -34.10
C GLU G 47 21.43 2.07 -35.51
N HIS G 48 21.05 2.98 -36.41
CA HIS G 48 21.41 2.91 -37.83
C HIS G 48 20.78 1.69 -38.50
N HIS G 49 19.51 1.43 -38.16
CA HIS G 49 18.70 0.32 -38.69
C HIS G 49 19.48 -0.97 -38.88
N GLY H 2 26.65 32.92 6.21
CA GLY H 2 27.74 32.76 5.26
C GLY H 2 28.55 31.51 5.53
N LYS H 3 28.48 30.54 4.61
CA LYS H 3 29.15 29.26 4.78
C LYS H 3 29.97 28.93 3.55
N ILE H 4 31.01 28.12 3.75
CA ILE H 4 31.65 27.36 2.69
C ILE H 4 31.43 25.89 3.01
N LYS H 5 30.89 25.14 2.05
CA LYS H 5 30.58 23.74 2.29
C LYS H 5 30.93 22.92 1.06
N ARG H 6 31.40 21.69 1.31
CA ARG H 6 31.69 20.72 0.25
C ARG H 6 30.52 19.75 0.13
N PHE H 7 30.13 19.48 -1.12
CA PHE H 7 29.01 18.57 -1.40
C PHE H 7 29.49 17.46 -2.32
N PHE H 8 29.05 16.24 -2.03
CA PHE H 8 29.38 15.08 -2.86
C PHE H 8 28.09 14.41 -3.29
N ALA H 9 27.94 14.21 -4.60
CA ALA H 9 26.76 13.58 -5.18
C ALA H 9 27.19 12.63 -6.28
N LYS H 10 26.20 11.97 -6.91
CA LYS H 10 26.51 11.02 -7.97
C LYS H 10 26.73 11.71 -9.31
N ASP H 11 26.05 12.82 -9.57
CA ASP H 11 26.18 13.54 -10.82
C ASP H 11 26.18 15.03 -10.56
N MET H 12 26.56 15.79 -11.59
CA MET H 12 26.57 17.24 -11.48
C MET H 12 25.20 17.78 -11.12
N ARG H 13 24.14 17.11 -11.59
CA ARG H 13 22.78 17.59 -11.34
C ARG H 13 22.45 17.58 -9.86
N ALA H 14 22.69 16.45 -9.20
CA ALA H 14 22.38 16.36 -7.77
C ALA H 14 23.30 17.26 -6.95
N ALA H 15 24.57 17.37 -7.36
CA ALA H 15 25.51 18.22 -6.64
C ALA H 15 25.08 19.68 -6.68
N LEU H 16 24.60 20.14 -7.83
CA LEU H 16 24.09 21.50 -7.92
C LEU H 16 22.84 21.68 -7.05
N ALA H 17 22.00 20.65 -6.98
CA ALA H 17 20.77 20.76 -6.20
C ALA H 17 21.07 20.90 -4.71
N GLN H 18 22.04 20.13 -4.20
CA GLN H 18 22.39 20.22 -2.78
C GLN H 18 22.87 21.63 -2.42
N VAL H 19 23.56 22.30 -3.35
CA VAL H 19 23.98 23.68 -3.11
C VAL H 19 22.77 24.59 -3.05
N LYS H 20 21.83 24.42 -3.97
CA LYS H 20 20.65 25.28 -4.00
C LYS H 20 19.80 25.10 -2.74
N ASP H 21 19.64 23.85 -2.28
CA ASP H 21 18.76 23.58 -1.15
C ASP H 21 19.34 24.13 0.16
N THR H 22 20.64 23.94 0.38
CA THR H 22 21.25 24.37 1.63
C THR H 22 21.77 25.80 1.56
N LEU H 23 22.47 26.14 0.47
CA LEU H 23 23.17 27.42 0.37
C LEU H 23 22.33 28.53 -0.25
N GLY H 24 21.25 28.19 -0.96
CA GLY H 24 20.36 29.19 -1.53
C GLY H 24 20.61 29.42 -3.00
N SER H 25 19.85 30.38 -3.55
CA SER H 25 19.93 30.68 -4.98
C SER H 25 21.15 31.52 -5.33
N ASP H 26 21.59 32.40 -4.42
CA ASP H 26 22.77 33.22 -4.63
C ASP H 26 23.95 32.54 -3.93
N ALA H 27 24.87 32.02 -4.72
CA ALA H 27 26.02 31.29 -4.20
C ALA H 27 27.21 31.50 -5.13
N VAL H 28 28.36 30.99 -4.70
CA VAL H 28 29.61 31.10 -5.45
C VAL H 28 30.26 29.72 -5.44
N ILE H 29 30.09 28.97 -6.52
CA ILE H 29 30.73 27.67 -6.63
C ILE H 29 32.23 27.87 -6.86
N MET H 30 33.05 27.21 -6.05
CA MET H 30 34.50 27.40 -6.06
C MET H 30 35.25 26.28 -6.74
N SER H 31 34.80 25.03 -6.60
CA SER H 31 35.42 23.90 -7.28
C SER H 31 34.33 22.95 -7.79
N ASN H 32 34.67 22.22 -8.85
CA ASN H 32 33.74 21.32 -9.54
C ASN H 32 34.51 20.16 -10.14
N LYS H 33 34.97 19.25 -9.28
CA LYS H 33 35.78 18.10 -9.67
C LYS H 33 35.04 16.81 -9.39
N LYS H 34 35.55 15.72 -9.97
CA LYS H 34 35.02 14.37 -9.76
C LYS H 34 36.19 13.42 -9.52
N VAL H 35 36.95 13.68 -8.46
CA VAL H 35 38.14 12.87 -8.17
C VAL H 35 37.75 11.46 -7.76
N ASN H 36 36.64 11.29 -7.07
CA ASN H 36 36.15 9.97 -6.68
C ASN H 36 35.17 9.49 -7.75
N GLY H 37 34.46 8.38 -7.47
CA GLY H 37 33.47 7.89 -8.40
C GLY H 37 32.33 8.87 -8.64
N GLY H 38 32.00 9.67 -7.63
CA GLY H 38 30.99 10.71 -7.75
C GLY H 38 31.58 12.06 -8.07
N ILE H 39 30.87 13.11 -7.66
CA ILE H 39 31.25 14.48 -7.95
C ILE H 39 31.33 15.27 -6.66
N GLU H 40 32.32 16.16 -6.56
CA GLU H 40 32.47 17.06 -5.43
C GLU H 40 32.25 18.50 -5.87
N ILE H 41 31.64 19.29 -4.98
CA ILE H 41 31.35 20.70 -5.23
C ILE H 41 31.56 21.47 -3.94
N VAL H 42 32.32 22.56 -4.00
CA VAL H 42 32.44 23.50 -2.89
C VAL H 42 31.90 24.84 -3.34
N ALA H 43 31.07 25.46 -2.49
CA ALA H 43 30.45 26.74 -2.81
C ALA H 43 30.38 27.58 -1.55
N ALA H 44 29.89 28.81 -1.69
CA ALA H 44 29.85 29.75 -0.59
C ALA H 44 28.59 30.59 -0.66
N VAL H 45 27.90 30.72 0.48
CA VAL H 45 26.73 31.59 0.54
C VAL H 45 27.16 33.04 0.51
N LEU H 46 28.08 33.42 1.41
CA LEU H 46 28.60 34.78 1.51
C LEU H 46 27.51 35.76 1.96
N GLU H 47 26.51 35.25 2.69
CA GLU H 47 25.34 36.06 3.01
C GLU H 47 25.69 37.23 3.92
N HIS H 48 26.43 36.96 4.99
CA HIS H 48 26.86 38.03 5.90
C HIS H 48 27.95 38.88 5.25
N GLY I 2 -1.59 -7.36 8.32
CA GLY I 2 -0.81 -6.44 9.14
C GLY I 2 0.67 -6.81 9.21
N LYS I 3 1.53 -5.79 9.26
CA LYS I 3 2.97 -6.02 9.28
C LYS I 3 3.65 -5.03 10.20
N ILE I 4 4.83 -5.43 10.68
CA ILE I 4 5.81 -4.53 11.27
C ILE I 4 7.06 -4.63 10.42
N LYS I 5 7.58 -3.49 9.97
CA LYS I 5 8.71 -3.48 9.06
C LYS I 5 9.68 -2.38 9.47
N ARG I 6 10.97 -2.63 9.24
CA ARG I 6 12.02 -1.66 9.49
C ARG I 6 12.47 -1.05 8.18
N PHE I 7 12.45 0.28 8.10
CA PHE I 7 12.86 1.01 6.91
C PHE I 7 14.08 1.86 7.21
N PHE I 8 14.95 2.01 6.22
CA PHE I 8 16.17 2.80 6.36
C PHE I 8 16.26 3.82 5.23
N ALA I 9 16.69 5.03 5.57
CA ALA I 9 16.87 6.09 4.60
C ALA I 9 17.79 7.13 5.18
N LYS I 10 18.47 7.87 4.29
CA LYS I 10 19.40 8.89 4.74
C LYS I 10 18.70 10.11 5.31
N ASP I 11 17.46 10.35 4.88
CA ASP I 11 16.68 11.50 5.35
C ASP I 11 15.34 11.01 5.88
N MET I 12 14.65 11.92 6.58
CA MET I 12 13.36 11.57 7.17
C MET I 12 12.28 11.44 6.10
N ARG I 13 12.36 12.26 5.05
CA ARG I 13 11.33 12.22 4.00
C ARG I 13 11.30 10.86 3.31
N ALA I 14 12.46 10.33 2.95
CA ALA I 14 12.50 9.10 2.17
C ALA I 14 12.01 7.91 2.99
N ALA I 15 12.35 7.84 4.27
CA ALA I 15 11.91 6.73 5.11
C ALA I 15 10.39 6.73 5.28
N LEU I 16 9.81 7.90 5.55
CA LEU I 16 8.35 8.02 5.54
C LEU I 16 7.78 7.63 4.19
N ALA I 17 8.46 7.98 3.11
CA ALA I 17 8.00 7.58 1.78
C ALA I 17 8.00 6.07 1.63
N GLN I 18 9.02 5.39 2.16
CA GLN I 18 9.04 3.93 2.12
C GLN I 18 7.91 3.35 2.96
N VAL I 19 7.62 3.97 4.11
CA VAL I 19 6.52 3.51 4.95
C VAL I 19 5.19 3.67 4.21
N LYS I 20 5.03 4.78 3.49
CA LYS I 20 3.78 5.01 2.79
C LYS I 20 3.58 4.04 1.63
N ASP I 21 4.63 3.84 0.83
CA ASP I 21 4.51 2.94 -0.32
C ASP I 21 4.34 1.48 0.12
N THR I 22 4.89 1.11 1.27
CA THR I 22 4.84 -0.27 1.74
C THR I 22 3.65 -0.51 2.67
N LEU I 23 3.47 0.34 3.68
CA LEU I 23 2.47 0.11 4.71
C LEU I 23 1.16 0.86 4.47
N GLY I 24 1.18 1.96 3.74
CA GLY I 24 -0.03 2.68 3.40
C GLY I 24 -0.17 3.99 4.17
N SER I 25 -1.33 4.61 3.99
CA SER I 25 -1.59 5.92 4.59
C SER I 25 -1.98 5.83 6.06
N ASP I 26 -2.38 4.65 6.53
CA ASP I 26 -2.72 4.44 7.94
C ASP I 26 -1.64 3.54 8.53
N ALA I 27 -0.76 4.12 9.34
CA ALA I 27 0.37 3.38 9.90
C ALA I 27 0.71 3.95 11.26
N VAL I 28 1.62 3.27 11.95
CA VAL I 28 2.03 3.63 13.31
C VAL I 28 3.55 3.65 13.35
N ILE I 29 4.13 4.84 13.59
CA ILE I 29 5.57 4.90 13.78
C ILE I 29 5.92 4.39 15.17
N MET I 30 6.84 3.42 15.23
CA MET I 30 7.29 2.86 16.50
C MET I 30 8.65 3.38 16.93
N SER I 31 9.55 3.65 15.99
CA SER I 31 10.83 4.24 16.30
C SER I 31 11.22 5.22 15.19
N ASN I 32 12.04 6.19 15.56
CA ASN I 32 12.49 7.24 14.65
C ASN I 32 13.94 7.60 14.93
N LYS I 33 14.78 6.59 15.12
CA LYS I 33 16.19 6.76 15.45
C LYS I 33 17.01 6.93 14.17
N LYS I 34 18.20 7.52 14.32
CA LYS I 34 19.09 7.78 13.21
C LYS I 34 20.37 6.97 13.41
N VAL I 35 20.57 5.96 12.56
CA VAL I 35 21.76 5.10 12.64
C VAL I 35 22.90 5.82 11.93
N ASN I 36 24.12 5.27 11.99
CA ASN I 36 25.29 5.97 11.50
C ASN I 36 25.16 6.37 10.03
N GLY I 37 24.49 5.56 9.22
CA GLY I 37 24.32 5.88 7.81
C GLY I 37 23.19 6.86 7.54
N GLY I 38 22.07 6.67 8.22
CA GLY I 38 20.95 7.56 8.07
C GLY I 38 19.95 7.32 9.18
N ILE I 39 18.72 7.79 8.97
CA ILE I 39 17.69 7.55 9.98
C ILE I 39 17.20 6.11 9.84
N GLU I 40 16.41 5.66 10.80
CA GLU I 40 15.80 4.34 10.74
C GLU I 40 14.42 4.40 11.39
N ILE I 41 13.40 4.06 10.61
CA ILE I 41 12.02 4.06 11.09
C ILE I 41 11.51 2.63 11.08
N VAL I 42 10.94 2.19 12.20
CA VAL I 42 10.16 0.96 12.24
C VAL I 42 8.70 1.34 12.42
N ALA I 43 7.85 0.82 11.54
CA ALA I 43 6.45 1.18 11.54
C ALA I 43 5.61 -0.07 11.44
N ALA I 44 4.39 0.02 11.95
CA ALA I 44 3.46 -1.10 11.98
C ALA I 44 2.16 -0.68 11.34
N VAL I 45 1.65 -1.49 10.42
CA VAL I 45 0.30 -1.36 9.91
C VAL I 45 -0.55 -2.43 10.60
N LEU I 46 -1.52 -1.99 11.38
CA LEU I 46 -2.35 -2.93 12.11
C LEU I 46 -3.27 -3.68 11.17
N GLU I 47 -3.49 -4.96 11.47
CA GLU I 47 -4.46 -5.73 10.71
C GLU I 47 -5.84 -5.08 10.85
N HIS I 48 -6.55 -4.97 9.74
CA HIS I 48 -7.87 -4.35 9.76
C HIS I 48 -8.78 -5.05 10.74
N HIS I 49 -9.66 -4.27 11.37
CA HIS I 49 -10.55 -4.74 12.44
C HIS I 49 -9.76 -5.27 13.62
N GLY J 2 33.14 30.29 -10.98
CA GLY J 2 31.77 29.89 -11.22
C GLY J 2 30.78 30.52 -10.25
N LYS J 3 29.52 30.60 -10.65
CA LYS J 3 28.49 31.27 -9.85
C LYS J 3 27.17 30.53 -9.98
N ILE J 4 26.28 30.79 -9.04
CA ILE J 4 24.89 30.35 -9.09
C ILE J 4 24.02 31.57 -8.81
N LYS J 5 23.20 31.97 -9.77
CA LYS J 5 22.40 33.18 -9.65
C LYS J 5 20.95 32.90 -10.01
N ARG J 6 20.08 33.77 -9.53
CA ARG J 6 18.65 33.67 -9.74
C ARG J 6 18.18 34.83 -10.60
N PHE J 7 17.30 34.54 -11.55
CA PHE J 7 16.93 35.46 -12.61
C PHE J 7 15.43 35.61 -12.68
N PHE J 8 14.96 36.76 -13.16
N PHE J 8 14.96 36.76 -13.18
CA PHE J 8 13.53 36.89 -13.30
CA PHE J 8 13.53 37.04 -13.22
C PHE J 8 13.21 37.82 -14.47
C PHE J 8 13.19 37.87 -14.44
N ALA J 9 12.11 37.50 -15.14
CA ALA J 9 11.56 38.33 -16.19
C ALA J 9 10.07 38.02 -16.28
N LYS J 10 9.35 38.85 -17.04
CA LYS J 10 7.92 38.61 -17.21
C LYS J 10 7.66 37.40 -18.09
N ASP J 11 8.51 37.15 -19.09
CA ASP J 11 8.37 36.02 -19.98
C ASP J 11 9.62 35.14 -19.91
N MET J 12 9.46 33.89 -20.35
CA MET J 12 10.57 32.95 -20.34
C MET J 12 11.69 33.42 -21.25
N ARG J 13 11.34 33.99 -22.41
CA ARG J 13 12.35 34.45 -23.36
C ARG J 13 13.26 35.49 -22.74
N ALA J 14 12.68 36.50 -22.08
CA ALA J 14 13.49 37.54 -21.47
C ALA J 14 14.29 37.00 -20.29
N ALA J 15 13.75 36.01 -19.57
CA ALA J 15 14.51 35.41 -18.47
C ALA J 15 15.67 34.58 -18.99
N LEU J 16 15.47 33.86 -20.10
CA LEU J 16 16.58 33.17 -20.75
C LEU J 16 17.65 34.16 -21.18
N ALA J 17 17.25 35.33 -21.67
CA ALA J 17 18.23 36.31 -22.15
C ALA J 17 19.11 36.80 -21.02
N GLN J 18 18.52 37.11 -19.85
CA GLN J 18 19.32 37.59 -18.74
C GLN J 18 20.32 36.54 -18.27
N VAL J 19 19.95 35.26 -18.35
CA VAL J 19 20.90 34.20 -18.01
C VAL J 19 22.09 34.21 -18.96
N LYS J 20 21.84 34.45 -20.25
CA LYS J 20 22.94 34.46 -21.21
C LYS J 20 23.75 35.75 -21.09
N ASP J 21 23.07 36.89 -20.86
CA ASP J 21 23.78 38.16 -20.74
C ASP J 21 24.66 38.22 -19.50
N THR J 22 24.46 37.32 -18.53
CA THR J 22 25.25 37.31 -17.31
C THR J 22 26.15 36.07 -17.25
N LEU J 23 25.58 34.89 -17.00
CA LEU J 23 26.38 33.68 -16.92
C LEU J 23 26.94 33.23 -18.26
N GLY J 24 26.34 33.65 -19.36
CA GLY J 24 26.90 33.39 -20.68
C GLY J 24 26.12 32.32 -21.43
N SER J 25 26.74 31.87 -22.53
CA SER J 25 26.06 30.98 -23.46
C SER J 25 25.98 29.55 -22.94
N ASP J 26 26.94 29.12 -22.13
CA ASP J 26 26.92 27.79 -21.53
C ASP J 26 26.58 27.93 -20.05
N ALA J 27 25.42 27.40 -19.66
CA ALA J 27 24.95 27.48 -18.29
C ALA J 27 24.01 26.31 -18.03
N VAL J 28 23.70 26.09 -16.76
CA VAL J 28 22.83 24.99 -16.32
C VAL J 28 21.61 25.60 -15.66
N ILE J 29 20.43 25.37 -16.25
CA ILE J 29 19.18 25.78 -15.63
C ILE J 29 18.83 24.80 -14.54
N MET J 30 18.67 25.29 -13.32
CA MET J 30 18.26 24.46 -12.20
C MET J 30 16.79 24.62 -11.86
N SER J 31 16.20 25.78 -12.17
CA SER J 31 14.83 26.08 -11.83
C SER J 31 14.26 27.01 -12.90
N ASN J 32 13.00 26.79 -13.26
CA ASN J 32 12.26 27.70 -14.13
C ASN J 32 10.86 27.95 -13.60
N LYS J 33 10.71 27.93 -12.28
CA LYS J 33 9.40 27.99 -11.66
C LYS J 33 8.68 29.29 -12.01
N LYS J 34 7.36 29.21 -12.06
CA LYS J 34 6.50 30.35 -12.36
C LYS J 34 5.91 30.88 -11.05
N VAL J 35 6.04 32.19 -10.85
CA VAL J 35 5.51 32.87 -9.66
C VAL J 35 4.92 34.20 -10.08
N ASN J 36 4.23 34.85 -9.14
CA ASN J 36 3.40 36.00 -9.44
C ASN J 36 4.24 37.16 -9.99
N GLY J 37 4.05 37.47 -11.27
CA GLY J 37 4.79 38.53 -11.94
C GLY J 37 5.65 38.08 -13.09
N GLY J 38 5.74 36.78 -13.37
CA GLY J 38 6.56 36.29 -14.46
C GLY J 38 7.10 34.91 -14.12
N ILE J 39 8.38 34.70 -14.44
CA ILE J 39 9.04 33.41 -14.27
C ILE J 39 10.34 33.61 -13.51
N GLU J 40 10.63 32.70 -12.57
CA GLU J 40 11.88 32.68 -11.85
C GLU J 40 12.79 31.60 -12.43
N ILE J 41 14.00 32.00 -12.82
CA ILE J 41 14.98 31.05 -13.35
C ILE J 41 16.20 31.08 -12.45
N VAL J 42 16.53 29.93 -11.87
CA VAL J 42 17.78 29.74 -11.15
C VAL J 42 18.72 28.99 -12.08
N ALA J 43 19.77 29.66 -12.53
CA ALA J 43 20.76 29.06 -13.41
C ALA J 43 22.14 29.14 -12.77
N ALA J 44 23.01 28.20 -13.16
CA ALA J 44 24.35 28.12 -12.62
C ALA J 44 25.35 27.95 -13.75
N VAL J 45 26.50 28.60 -13.61
CA VAL J 45 27.62 28.43 -14.52
C VAL J 45 28.78 27.85 -13.73
N LEU J 46 29.35 26.76 -14.24
CA LEU J 46 30.40 26.05 -13.52
C LEU J 46 31.74 26.77 -13.64
N GLU J 47 32.15 27.08 -14.87
CA GLU J 47 33.38 27.80 -15.14
C GLU J 47 34.59 27.13 -14.49
N MET K 1 -13.50 2.73 -21.93
CA MET K 1 -13.02 1.37 -21.75
C MET K 1 -13.29 0.88 -20.33
N GLY K 2 -13.71 1.80 -19.46
CA GLY K 2 -13.94 1.47 -18.07
C GLY K 2 -12.79 1.88 -17.19
N LYS K 3 -13.10 2.37 -15.98
CA LYS K 3 -12.08 2.87 -15.07
C LYS K 3 -12.39 2.43 -13.65
N ILE K 4 -11.42 2.66 -12.77
CA ILE K 4 -11.60 2.59 -11.32
C ILE K 4 -11.13 3.92 -10.76
N LYS K 5 -12.00 4.60 -10.02
CA LYS K 5 -11.71 5.92 -9.49
C LYS K 5 -12.05 5.98 -8.01
N ARG K 6 -11.42 6.94 -7.34
CA ARG K 6 -11.59 7.17 -5.92
C ARG K 6 -12.36 8.46 -5.70
N PHE K 7 -13.28 8.46 -4.74
CA PHE K 7 -14.15 9.60 -4.48
C PHE K 7 -14.16 9.94 -3.00
N PHE K 8 -14.44 11.20 -2.71
N PHE K 8 -14.37 11.21 -2.70
CA PHE K 8 -14.43 11.72 -1.35
CA PHE K 8 -14.45 11.69 -1.34
C PHE K 8 -15.57 12.71 -1.17
C PHE K 8 -15.61 12.68 -1.19
N ALA K 9 -16.31 12.56 -0.08
CA ALA K 9 -17.36 13.50 0.27
C ALA K 9 -17.55 13.47 1.79
N LYS K 10 -18.15 14.54 2.31
CA LYS K 10 -18.44 14.58 3.74
C LYS K 10 -19.48 13.54 4.13
N ASP K 11 -20.56 13.44 3.36
CA ASP K 11 -21.61 12.47 3.60
C ASP K 11 -21.61 11.38 2.54
N MET K 12 -22.24 10.26 2.86
CA MET K 12 -22.32 9.15 1.92
C MET K 12 -23.13 9.54 0.68
N ARG K 13 -24.25 10.25 0.89
CA ARG K 13 -25.09 10.66 -0.22
C ARG K 13 -24.31 11.45 -1.27
N ALA K 14 -23.52 12.44 -0.83
CA ALA K 14 -22.73 13.22 -1.78
C ALA K 14 -21.71 12.35 -2.50
N ALA K 15 -21.14 11.37 -1.80
CA ALA K 15 -20.17 10.47 -2.43
C ALA K 15 -20.83 9.60 -3.49
N LEU K 16 -22.03 9.08 -3.20
CA LEU K 16 -22.77 8.35 -4.23
C LEU K 16 -23.08 9.24 -5.43
N ALA K 17 -23.39 10.52 -5.18
CA ALA K 17 -23.66 11.44 -6.27
C ALA K 17 -22.43 11.62 -7.15
N GLN K 18 -21.28 11.88 -6.53
CA GLN K 18 -20.05 12.05 -7.31
C GLN K 18 -19.74 10.81 -8.13
N VAL K 19 -20.04 9.63 -7.59
CA VAL K 19 -19.83 8.39 -8.34
C VAL K 19 -20.73 8.35 -9.56
N LYS K 20 -21.98 8.78 -9.41
CA LYS K 20 -22.91 8.75 -10.54
C LYS K 20 -22.59 9.87 -11.53
N ASP K 21 -22.33 11.08 -11.02
CA ASP K 21 -22.05 12.21 -11.89
C ASP K 21 -20.80 12.00 -12.74
N THR K 22 -19.92 11.07 -12.35
CA THR K 22 -18.71 10.79 -13.12
C THR K 22 -18.78 9.39 -13.74
N LEU K 23 -18.84 8.34 -12.93
CA LEU K 23 -18.80 6.97 -13.45
C LEU K 23 -20.10 6.57 -14.12
N GLY K 24 -21.21 7.23 -13.81
CA GLY K 24 -22.48 6.94 -14.45
C GLY K 24 -23.44 6.23 -13.53
N SER K 25 -24.58 5.84 -14.10
CA SER K 25 -25.63 5.20 -13.33
C SER K 25 -25.24 3.80 -12.91
N ASP K 26 -24.57 3.05 -13.79
CA ASP K 26 -24.16 1.68 -13.49
C ASP K 26 -22.70 1.67 -13.08
N ALA K 27 -22.44 1.19 -11.86
CA ALA K 27 -21.09 1.15 -11.32
C ALA K 27 -21.03 0.09 -10.22
N VAL K 28 -19.81 -0.22 -9.80
CA VAL K 28 -19.56 -1.23 -8.77
C VAL K 28 -18.80 -0.56 -7.64
N ILE K 29 -19.46 -0.39 -6.49
CA ILE K 29 -18.80 0.17 -5.32
C ILE K 29 -17.85 -0.88 -4.76
N MET K 30 -16.56 -0.59 -4.80
CA MET K 30 -15.57 -1.51 -4.26
C MET K 30 -15.21 -1.19 -2.82
N SER K 31 -15.34 0.07 -2.42
CA SER K 31 -14.97 0.51 -1.08
C SER K 31 -15.86 1.66 -0.67
N ASN K 32 -16.05 1.80 0.64
CA ASN K 32 -16.81 2.92 1.19
C ASN K 32 -16.29 3.28 2.58
N LYS K 33 -14.97 3.22 2.76
CA LYS K 33 -14.38 3.46 4.07
C LYS K 33 -14.66 4.88 4.54
N LYS K 34 -14.75 5.04 5.86
CA LYS K 34 -14.90 6.35 6.46
C LYS K 34 -13.52 6.91 6.81
N VAL K 35 -13.25 8.11 6.32
CA VAL K 35 -11.97 8.77 6.52
C VAL K 35 -12.17 9.99 7.41
N ASN K 36 -11.06 10.58 7.85
CA ASN K 36 -11.13 11.79 8.67
C ASN K 36 -11.59 12.94 7.80
N GLY K 37 -12.82 13.39 8.03
CA GLY K 37 -13.41 14.47 7.27
C GLY K 37 -14.46 14.08 6.25
N GLY K 38 -14.90 12.83 6.25
CA GLY K 38 -15.93 12.40 5.32
C GLY K 38 -15.82 10.91 5.03
N ILE K 39 -16.23 10.54 3.81
CA ILE K 39 -16.27 9.15 3.37
C ILE K 39 -15.51 9.03 2.05
N GLU K 40 -14.78 7.92 1.89
CA GLU K 40 -14.08 7.60 0.66
C GLU K 40 -14.76 6.42 -0.01
N ILE K 41 -15.23 6.61 -1.24
CA ILE K 41 -15.86 5.56 -2.03
C ILE K 41 -14.98 5.28 -3.24
N VAL K 42 -14.62 4.01 -3.42
CA VAL K 42 -13.90 3.54 -4.59
C VAL K 42 -14.88 2.73 -5.43
N ALA K 43 -15.14 3.17 -6.65
CA ALA K 43 -16.08 2.50 -7.55
C ALA K 43 -15.40 2.29 -8.90
N ALA K 44 -16.13 1.64 -9.81
CA ALA K 44 -15.59 1.28 -11.11
C ALA K 44 -16.69 1.27 -12.16
N VAL K 45 -16.40 1.85 -13.32
CA VAL K 45 -17.35 1.80 -14.44
C VAL K 45 -17.47 0.39 -14.96
N LEU K 46 -16.34 -0.25 -15.27
CA LEU K 46 -16.28 -1.60 -15.80
C LEU K 46 -16.93 -1.67 -17.20
N GLU K 47 -16.82 -0.58 -17.94
CA GLU K 47 -17.38 -0.48 -19.29
C GLU K 47 -16.79 -1.53 -20.23
N GLY L 2 13.04 -9.10 -24.39
CA GLY L 2 12.52 -7.83 -23.90
C GLY L 2 12.83 -6.65 -24.80
N LYS L 3 11.99 -5.62 -24.76
CA LYS L 3 12.17 -4.46 -25.62
C LYS L 3 11.51 -3.25 -25.00
N ILE L 4 11.86 -2.08 -25.53
CA ILE L 4 11.21 -0.81 -25.18
C ILE L 4 10.74 -0.16 -26.48
N LYS L 5 9.49 0.29 -26.49
CA LYS L 5 8.91 0.86 -27.70
C LYS L 5 8.07 2.07 -27.32
N ARG L 6 7.94 2.99 -28.26
CA ARG L 6 7.21 4.23 -28.08
C ARG L 6 5.94 4.18 -28.92
N PHE L 7 4.85 4.73 -28.39
CA PHE L 7 3.53 4.62 -29.01
C PHE L 7 2.84 5.98 -29.03
N PHE L 8 1.87 6.10 -29.93
N PHE L 8 1.82 6.08 -29.88
CA PHE L 8 1.09 7.33 -30.06
CA PHE L 8 1.11 7.34 -30.07
C PHE L 8 -0.37 7.00 -30.35
C PHE L 8 -0.34 7.09 -30.44
N ALA L 9 -1.25 7.85 -29.84
CA ALA L 9 -2.63 7.86 -30.24
C ALA L 9 -3.13 9.29 -30.07
N LYS L 10 -4.33 9.56 -30.60
CA LYS L 10 -4.96 10.84 -30.33
C LYS L 10 -5.40 10.95 -28.88
N ASP L 11 -5.82 9.84 -28.29
CA ASP L 11 -6.32 9.79 -26.92
C ASP L 11 -5.47 8.82 -26.10
N MET L 12 -5.85 8.67 -24.83
CA MET L 12 -5.07 7.83 -23.92
C MET L 12 -5.41 6.35 -24.08
N ARG L 13 -6.70 6.02 -24.20
CA ARG L 13 -7.10 4.62 -24.28
C ARG L 13 -6.58 3.96 -25.55
N ALA L 14 -6.56 4.69 -26.66
CA ALA L 14 -6.09 4.12 -27.91
C ALA L 14 -4.59 3.86 -27.88
N ALA L 15 -3.84 4.68 -27.14
CA ALA L 15 -2.40 4.44 -27.01
C ALA L 15 -2.11 3.29 -26.07
N LEU L 16 -2.90 3.15 -25.00
CA LEU L 16 -2.81 1.97 -24.16
C LEU L 16 -3.12 0.70 -24.94
N ALA L 17 -4.05 0.79 -25.89
CA ALA L 17 -4.39 -0.38 -26.70
C ALA L 17 -3.21 -0.82 -27.55
N GLN L 18 -2.53 0.14 -28.19
CA GLN L 18 -1.39 -0.22 -29.03
C GLN L 18 -0.29 -0.89 -28.21
N VAL L 19 -0.10 -0.43 -26.96
CA VAL L 19 0.84 -1.09 -26.07
C VAL L 19 0.41 -2.53 -25.82
N LYS L 20 -0.89 -2.75 -25.63
CA LYS L 20 -1.38 -4.11 -25.40
C LYS L 20 -1.29 -4.94 -26.67
N ASP L 21 -1.71 -4.38 -27.81
CA ASP L 21 -1.75 -5.15 -29.05
C ASP L 21 -0.35 -5.54 -29.51
N THR L 22 0.67 -4.77 -29.15
CA THR L 22 2.03 -5.03 -29.58
C THR L 22 2.87 -5.65 -28.47
N LEU L 23 2.96 -4.98 -27.32
CA LEU L 23 3.83 -5.44 -26.25
C LEU L 23 3.19 -6.57 -25.41
N GLY L 24 1.88 -6.57 -25.26
CA GLY L 24 1.19 -7.65 -24.58
C GLY L 24 0.38 -7.15 -23.40
N SER L 25 -0.17 -8.12 -22.65
CA SER L 25 -1.04 -7.82 -21.51
C SER L 25 -0.26 -7.31 -20.31
N ASP L 26 1.00 -7.71 -20.15
CA ASP L 26 1.83 -7.28 -19.03
C ASP L 26 2.98 -6.43 -19.57
N ALA L 27 3.04 -5.18 -19.13
CA ALA L 27 4.07 -4.24 -19.59
C ALA L 27 4.29 -3.18 -18.52
N VAL L 28 5.35 -2.40 -18.71
CA VAL L 28 5.73 -1.35 -17.77
C VAL L 28 5.59 -0.02 -18.48
N ILE L 29 4.62 0.79 -18.04
CA ILE L 29 4.42 2.13 -18.59
C ILE L 29 5.50 3.02 -17.99
N MET L 30 6.57 3.28 -18.76
CA MET L 30 7.64 4.14 -18.31
C MET L 30 7.32 5.62 -18.45
N SER L 31 6.41 5.98 -19.35
CA SER L 31 6.23 7.37 -19.69
C SER L 31 4.90 7.54 -20.41
N ASN L 32 4.31 8.73 -20.28
CA ASN L 32 3.07 9.05 -20.96
C ASN L 32 2.85 10.56 -21.07
N LYS L 33 3.64 11.21 -21.94
CA LYS L 33 3.53 12.65 -22.12
C LYS L 33 2.27 13.01 -22.88
N LYS L 34 2.07 14.31 -23.07
CA LYS L 34 1.09 14.86 -23.99
C LYS L 34 1.85 15.66 -25.04
N VAL L 35 1.96 15.10 -26.25
CA VAL L 35 2.64 15.75 -27.34
C VAL L 35 1.63 16.52 -28.18
N ASN L 36 2.09 17.26 -29.18
CA ASN L 36 1.16 17.98 -30.05
C ASN L 36 0.46 16.99 -30.97
N GLY L 37 -0.87 16.92 -30.88
CA GLY L 37 -1.66 16.02 -31.68
C GLY L 37 -2.06 14.73 -31.00
N GLY L 38 -1.66 14.54 -29.74
CA GLY L 38 -2.03 13.34 -28.99
C GLY L 38 -1.19 13.13 -27.75
N ILE L 39 -0.87 11.87 -27.44
CA ILE L 39 -0.02 11.54 -26.31
C ILE L 39 1.08 10.59 -26.78
N GLU L 40 2.09 10.42 -25.92
CA GLU L 40 3.23 9.55 -26.20
C GLU L 40 3.42 8.62 -25.01
N ILE L 41 3.18 7.33 -25.20
CA ILE L 41 3.42 6.32 -24.18
C ILE L 41 4.69 5.56 -24.52
N VAL L 42 5.61 5.51 -23.55
CA VAL L 42 6.82 4.70 -23.65
C VAL L 42 6.65 3.54 -22.68
N ALA L 43 6.58 2.32 -23.22
CA ALA L 43 6.37 1.13 -22.42
C ALA L 43 7.47 0.12 -22.71
N ALA L 44 7.60 -0.85 -21.81
CA ALA L 44 8.66 -1.84 -21.88
C ALA L 44 8.14 -3.21 -21.46
N VAL L 45 8.59 -4.24 -22.15
CA VAL L 45 8.37 -5.64 -21.78
C VAL L 45 9.71 -6.26 -21.44
N LEU L 46 9.74 -7.06 -20.38
CA LEU L 46 10.94 -7.71 -19.90
C LEU L 46 10.86 -9.21 -20.16
N GLU L 47 11.99 -9.80 -20.54
CA GLU L 47 12.11 -11.24 -20.83
C GLU L 47 11.31 -11.66 -22.06
#